data_1M78
#
_entry.id   1M78
#
_cell.length_a   76.910
_cell.length_b   67.280
_cell.length_c   38.490
_cell.angle_alpha   90.00
_cell.angle_beta   93.07
_cell.angle_gamma   90.00
#
_symmetry.space_group_name_H-M   'P 1 21 1'
#
loop_
_entity.id
_entity.type
_entity.pdbx_description
1 polymer 'DIHYDROFOLATE REDUCTASE'
2 non-polymer 'NADPH DIHYDRO-NICOTINAMIDE-ADENINE-DINUCLEOTIDE PHOSPHATE'
3 non-polymer 5-CHLORYL-2,4,6-QUINAZOLINETRIAMINE
4 water water
#
_entity_poly.entity_id   1
_entity_poly.type   'polypeptide(L)'
_entity_poly.pdbx_seq_one_letter_code
;MLKPNVAIIVAALKPALGIGYKGKMPWRLRKEIRYFKDVTTRTTKPNTRNAVIMGRKTWESIPQKFRPLPDRLNIILSRS
YENEIIDDNIIHASSIESSLNLVSDVERVFIIGGAEIYNELINNSLVSHLLITEIEHPSPESIEMDTFLKFPLESWTKQP
KSELQKFVGDTVLEDDIKEGDFTYNYTLWTRK
;
_entity_poly.pdbx_strand_id   A,B
#
loop_
_chem_comp.id
_chem_comp.type
_chem_comp.name
_chem_comp.formula
CLZ non-polymer 5-CHLORYL-2,4,6-QUINAZOLINETRIAMINE 'C8 H8 Cl N5'
NDP non-polymer 'NADPH DIHYDRO-NICOTINAMIDE-ADENINE-DINUCLEOTIDE PHOSPHATE' 'C21 H30 N7 O17 P3'
#
# COMPACT_ATOMS: atom_id res chain seq x y z
N MET A 1 -13.36 10.57 -4.70
CA MET A 1 -12.38 9.45 -4.82
C MET A 1 -11.91 9.09 -3.40
N LEU A 2 -12.04 7.82 -3.02
CA LEU A 2 -11.66 7.36 -1.68
C LEU A 2 -10.28 6.68 -1.66
N LYS A 3 -9.43 7.15 -0.78
CA LYS A 3 -8.12 6.57 -0.55
C LYS A 3 -7.37 6.05 -1.77
N PRO A 4 -7.16 6.95 -2.74
CA PRO A 4 -6.35 6.59 -3.94
C PRO A 4 -4.88 6.42 -3.50
N ASN A 5 -4.19 5.66 -4.34
CA ASN A 5 -2.72 5.51 -4.20
C ASN A 5 -2.20 6.84 -4.81
N VAL A 6 -1.22 7.43 -4.22
CA VAL A 6 -0.70 8.72 -4.73
C VAL A 6 0.83 8.47 -4.99
N ALA A 7 1.28 9.17 -6.03
CA ALA A 7 2.74 9.06 -6.34
C ALA A 7 3.37 10.44 -6.23
N ILE A 8 4.58 10.53 -5.70
CA ILE A 8 5.33 11.80 -5.67
C ILE A 8 6.25 11.68 -6.95
N ILE A 9 6.32 12.79 -7.67
CA ILE A 9 7.29 12.80 -8.89
C ILE A 9 8.15 14.00 -8.63
N VAL A 10 9.51 13.82 -8.68
CA VAL A 10 10.44 14.92 -8.43
C VAL A 10 11.80 14.63 -9.14
N ALA A 11 12.51 15.69 -9.39
CA ALA A 11 13.91 15.55 -9.95
C ALA A 11 14.85 16.08 -8.88
N ALA A 12 15.83 15.30 -8.47
CA ALA A 12 16.81 15.73 -7.43
C ALA A 12 18.27 15.39 -7.81
N LEU A 13 19.13 16.30 -7.37
CA LEU A 13 20.60 16.19 -7.57
C LEU A 13 21.22 15.42 -6.43
N LYS A 14 21.89 14.34 -6.74
CA LYS A 14 22.60 13.49 -5.75
C LYS A 14 23.94 14.14 -5.36
N PRO A 15 24.41 13.87 -4.15
CA PRO A 15 23.85 12.98 -3.13
C PRO A 15 22.93 13.64 -2.12
N ALA A 16 22.91 14.95 -2.07
CA ALA A 16 22.13 15.72 -1.12
C ALA A 16 20.64 15.81 -1.39
N LEU A 17 20.27 15.47 -2.62
CA LEU A 17 18.85 15.56 -3.03
C LEU A 17 18.37 16.98 -2.98
N GLY A 18 19.15 17.88 -3.57
CA GLY A 18 18.78 19.29 -3.75
C GLY A 18 17.73 19.36 -4.87
N ILE A 19 16.76 20.20 -4.75
CA ILE A 19 15.67 20.34 -5.71
C ILE A 19 15.39 21.76 -6.17
N GLY A 20 16.03 22.75 -5.54
CA GLY A 20 15.70 24.14 -5.93
C GLY A 20 16.67 25.13 -5.31
N TYR A 21 16.51 26.33 -5.82
CA TYR A 21 17.31 27.49 -5.42
C TYR A 21 16.52 28.76 -5.70
N LYS A 22 16.29 29.48 -4.62
CA LYS A 22 15.58 30.77 -4.71
C LYS A 22 14.35 30.72 -5.55
N GLY A 23 13.52 29.69 -5.31
CA GLY A 23 12.23 29.47 -5.95
C GLY A 23 12.23 28.84 -7.31
N LYS A 24 13.39 28.50 -7.86
CA LYS A 24 13.48 27.91 -9.19
C LYS A 24 14.23 26.60 -9.21
N MET A 25 14.11 25.88 -10.33
CA MET A 25 14.90 24.62 -10.48
C MET A 25 16.32 25.09 -10.90
N PRO A 26 17.29 24.44 -10.35
CA PRO A 26 18.70 24.80 -10.57
C PRO A 26 19.27 24.31 -11.89
N TRP A 27 18.45 23.80 -12.76
CA TRP A 27 18.82 23.21 -14.05
C TRP A 27 17.64 23.31 -15.01
N ARG A 28 17.96 23.10 -16.28
CA ARG A 28 16.94 23.06 -17.33
C ARG A 28 17.33 21.80 -18.15
N LEU A 29 16.62 20.74 -17.88
CA LEU A 29 16.86 19.43 -18.52
C LEU A 29 15.65 19.23 -19.41
N ARG A 30 15.85 19.45 -20.69
CA ARG A 30 14.76 19.36 -21.70
C ARG A 30 14.05 18.04 -21.80
N LYS A 31 14.84 16.95 -21.83
CA LYS A 31 14.24 15.63 -21.93
C LYS A 31 13.45 15.29 -20.64
N GLU A 32 13.95 15.75 -19.54
CA GLU A 32 13.28 15.48 -18.20
C GLU A 32 11.95 16.15 -18.15
N ILE A 33 11.81 17.40 -18.56
CA ILE A 33 10.56 18.13 -18.61
C ILE A 33 9.54 17.35 -19.46
N ARG A 34 10.03 16.86 -20.60
CA ARG A 34 9.17 16.04 -21.50
C ARG A 34 8.71 14.77 -20.82
N TYR A 35 9.52 14.04 -20.10
CA TYR A 35 9.17 12.83 -19.35
C TYR A 35 8.06 13.23 -18.30
N PHE A 36 8.38 14.27 -17.59
CA PHE A 36 7.33 14.78 -16.54
C PHE A 36 6.00 14.93 -17.21
N LYS A 37 5.90 15.63 -18.32
CA LYS A 37 4.69 15.86 -19.09
C LYS A 37 3.98 14.60 -19.48
N ASP A 38 4.73 13.66 -20.09
CA ASP A 38 4.15 12.40 -20.54
C ASP A 38 3.65 11.53 -19.39
N VAL A 39 4.46 11.41 -18.33
CA VAL A 39 4.06 10.49 -17.24
C VAL A 39 2.78 11.02 -16.54
N THR A 40 2.78 12.32 -16.31
CA THR A 40 1.65 12.93 -15.61
C THR A 40 0.43 13.08 -16.47
N THR A 41 0.55 13.00 -17.79
CA THR A 41 -0.64 13.15 -18.67
C THR A 41 -1.23 11.85 -19.12
N ARG A 42 -0.41 10.84 -19.42
CA ARG A 42 -0.98 9.59 -19.98
C ARG A 42 -1.86 8.78 -19.00
N THR A 43 -2.97 8.29 -19.58
CA THR A 43 -3.94 7.43 -18.86
C THR A 43 -4.21 6.19 -19.72
N THR A 44 -4.76 5.17 -19.10
CA THR A 44 -5.08 3.90 -19.81
C THR A 44 -6.58 3.69 -19.93
N LYS A 45 -7.31 4.08 -18.90
CA LYS A 45 -8.79 4.03 -18.88
C LYS A 45 -9.28 5.11 -19.84
N PRO A 46 -10.53 4.97 -20.31
CA PRO A 46 -11.09 5.79 -21.33
C PRO A 46 -11.37 7.24 -21.18
N ASN A 47 -12.31 7.58 -20.32
CA ASN A 47 -12.69 9.03 -20.19
C ASN A 47 -12.08 9.55 -18.91
N THR A 48 -10.79 9.23 -18.73
CA THR A 48 -10.16 9.70 -17.46
C THR A 48 -9.02 10.66 -17.75
N ARG A 49 -8.57 11.26 -16.66
CA ARG A 49 -7.40 12.14 -16.68
C ARG A 49 -6.65 11.90 -15.37
N ASN A 50 -5.46 12.41 -15.31
CA ASN A 50 -4.70 12.28 -14.03
C ASN A 50 -4.90 13.62 -13.27
N ALA A 51 -4.53 13.61 -12.03
CA ALA A 51 -4.61 14.87 -11.22
C ALA A 51 -3.19 15.17 -10.76
N VAL A 52 -2.80 16.44 -10.79
CA VAL A 52 -1.50 16.89 -10.31
C VAL A 52 -1.78 17.80 -9.07
N ILE A 53 -1.11 17.49 -8.00
CA ILE A 53 -1.31 18.35 -6.78
C ILE A 53 -0.04 19.11 -6.54
N MET A 54 -0.20 20.42 -6.19
CA MET A 54 0.98 21.25 -5.93
C MET A 54 0.70 22.28 -4.80
N GLY A 55 1.75 22.74 -4.23
CA GLY A 55 1.66 23.83 -3.22
C GLY A 55 1.41 25.15 -3.93
N ARG A 56 0.86 26.13 -3.15
CA ARG A 56 0.52 27.44 -3.74
C ARG A 56 1.72 28.12 -4.35
N LYS A 57 2.90 27.98 -3.74
CA LYS A 57 4.10 28.65 -4.27
C LYS A 57 4.46 28.10 -5.65
N THR A 58 4.39 26.80 -5.79
CA THR A 58 4.61 26.14 -7.09
C THR A 58 3.66 26.65 -8.14
N TRP A 59 2.37 26.70 -7.87
CA TRP A 59 1.35 27.20 -8.78
C TRP A 59 1.72 28.63 -9.26
N GLU A 60 2.02 29.51 -8.29
CA GLU A 60 2.35 30.86 -8.59
C GLU A 60 3.62 31.03 -9.43
N SER A 61 4.47 30.06 -9.37
CA SER A 61 5.75 30.09 -10.13
C SER A 61 5.51 29.83 -11.60
N ILE A 62 4.40 29.27 -11.99
CA ILE A 62 4.09 29.02 -13.42
C ILE A 62 3.49 30.33 -13.96
N PRO A 63 4.02 30.81 -15.08
CA PRO A 63 3.51 32.05 -15.73
C PRO A 63 2.01 31.84 -15.92
N GLN A 64 1.24 32.89 -15.60
CA GLN A 64 -0.23 32.78 -15.62
C GLN A 64 -0.82 32.24 -16.89
N LYS A 65 -0.23 32.55 -18.01
CA LYS A 65 -0.62 32.14 -19.36
C LYS A 65 -0.42 30.62 -19.54
N PHE A 66 0.44 30.01 -18.78
CA PHE A 66 0.73 28.57 -18.88
C PHE A 66 0.14 27.67 -17.83
N ARG A 67 -0.81 28.21 -17.09
CA ARG A 67 -1.53 27.45 -16.06
C ARG A 67 -3.02 27.58 -16.36
N PRO A 68 -3.83 26.59 -16.09
CA PRO A 68 -3.44 25.33 -15.42
C PRO A 68 -2.61 24.47 -16.41
N LEU A 69 -1.92 23.48 -15.81
CA LEU A 69 -1.19 22.54 -16.79
C LEU A 69 -2.26 21.82 -17.56
N PRO A 70 -2.16 21.83 -18.89
CA PRO A 70 -3.17 21.24 -19.75
C PRO A 70 -3.26 19.73 -19.62
N ASP A 71 -4.46 19.23 -19.88
CA ASP A 71 -4.82 17.84 -19.93
C ASP A 71 -4.79 17.08 -18.60
N ARG A 72 -4.63 17.86 -17.52
CA ARG A 72 -4.62 17.24 -16.17
C ARG A 72 -5.50 18.12 -15.24
N LEU A 73 -6.11 17.38 -14.30
CA LEU A 73 -6.84 18.15 -13.24
C LEU A 73 -5.80 18.81 -12.32
N ASN A 74 -5.82 20.12 -12.15
CA ASN A 74 -4.84 20.77 -11.27
C ASN A 74 -5.49 21.01 -9.86
N ILE A 75 -4.74 20.62 -8.86
CA ILE A 75 -5.19 20.82 -7.46
C ILE A 75 -4.10 21.64 -6.75
N ILE A 76 -4.52 22.79 -6.19
CA ILE A 76 -3.57 23.65 -5.51
C ILE A 76 -3.89 23.68 -4.00
N LEU A 77 -2.88 23.44 -3.20
CA LEU A 77 -3.09 23.43 -1.73
C LEU A 77 -2.55 24.71 -1.12
N SER A 78 -3.44 25.23 -0.20
CA SER A 78 -3.00 26.41 0.60
C SER A 78 -3.77 26.21 1.96
N ARG A 79 -3.11 26.51 3.02
CA ARG A 79 -3.81 26.45 4.35
C ARG A 79 -4.91 27.49 4.43
N SER A 80 -4.84 28.51 3.60
CA SER A 80 -5.90 29.55 3.54
C SER A 80 -7.06 29.20 2.66
N TYR A 81 -7.03 28.13 1.84
CA TYR A 81 -8.14 27.85 0.95
C TYR A 81 -9.30 27.06 1.52
N GLU A 82 -10.46 27.43 0.98
CA GLU A 82 -11.68 26.61 1.26
C GLU A 82 -11.69 25.57 0.14
N ASN A 83 -12.28 24.44 0.41
CA ASN A 83 -12.38 23.35 -0.62
C ASN A 83 -13.34 23.84 -1.67
N GLU A 84 -12.83 24.17 -2.86
CA GLU A 84 -13.69 24.79 -3.91
C GLU A 84 -13.28 24.32 -5.31
N ILE A 85 -14.25 23.99 -6.12
CA ILE A 85 -14.01 23.65 -7.54
C ILE A 85 -14.03 25.01 -8.25
N ILE A 86 -12.90 25.42 -8.81
CA ILE A 86 -12.92 26.73 -9.55
C ILE A 86 -13.57 26.55 -10.90
N ASP A 87 -13.06 25.57 -11.64
CA ASP A 87 -13.62 25.19 -12.98
C ASP A 87 -13.33 23.69 -13.14
N ASP A 88 -13.54 23.17 -14.33
CA ASP A 88 -13.26 21.74 -14.57
C ASP A 88 -11.80 21.32 -14.45
N ASN A 89 -10.88 22.25 -14.48
CA ASN A 89 -9.44 21.97 -14.44
C ASN A 89 -8.76 22.39 -13.19
N ILE A 90 -9.44 23.17 -12.32
CA ILE A 90 -8.78 23.69 -11.13
C ILE A 90 -9.67 23.48 -9.86
N ILE A 91 -8.96 22.95 -8.91
CA ILE A 91 -9.52 22.77 -7.53
C ILE A 91 -8.62 23.44 -6.52
N HIS A 92 -9.28 24.08 -5.56
CA HIS A 92 -8.55 24.72 -4.39
C HIS A 92 -8.88 23.84 -3.17
N ALA A 93 -7.89 23.61 -2.36
CA ALA A 93 -8.09 22.75 -1.18
C ALA A 93 -7.10 23.08 -0.11
N SER A 94 -7.41 22.70 1.15
CA SER A 94 -6.46 22.90 2.24
C SER A 94 -5.83 21.61 2.72
N SER A 95 -6.23 20.46 2.14
CA SER A 95 -5.58 19.19 2.51
C SER A 95 -5.72 18.24 1.31
N ILE A 96 -4.74 17.35 1.21
CA ILE A 96 -4.77 16.40 0.05
C ILE A 96 -6.02 15.61 0.06
N GLU A 97 -6.35 15.02 1.26
CA GLU A 97 -7.51 14.16 1.30
C GLU A 97 -8.82 14.83 1.05
N SER A 98 -9.03 16.04 1.55
CA SER A 98 -10.26 16.79 1.22
C SER A 98 -10.35 17.06 -0.27
N SER A 99 -9.21 17.42 -0.89
CA SER A 99 -9.23 17.71 -2.34
C SER A 99 -9.72 16.50 -3.14
N LEU A 100 -9.26 15.31 -2.70
CA LEU A 100 -9.62 14.06 -3.40
C LEU A 100 -11.07 13.71 -3.32
N ASN A 101 -11.78 14.26 -2.32
CA ASN A 101 -13.23 14.00 -2.19
C ASN A 101 -14.00 14.69 -3.30
N LEU A 102 -13.44 15.74 -3.84
CA LEU A 102 -14.04 16.57 -4.88
C LEU A 102 -13.85 16.03 -6.30
N VAL A 103 -13.07 14.96 -6.42
CA VAL A 103 -12.77 14.44 -7.75
C VAL A 103 -13.46 13.11 -8.07
N SER A 104 -13.71 12.99 -9.37
CA SER A 104 -14.20 11.76 -10.01
C SER A 104 -13.54 11.65 -11.41
N ASP A 105 -13.52 10.47 -11.96
CA ASP A 105 -12.96 10.20 -13.30
C ASP A 105 -11.50 10.64 -13.41
N VAL A 106 -10.77 10.28 -12.35
CA VAL A 106 -9.32 10.46 -12.25
C VAL A 106 -8.70 9.07 -12.18
N GLU A 107 -7.65 8.92 -12.96
CA GLU A 107 -6.92 7.64 -12.96
C GLU A 107 -5.80 7.65 -11.93
N ARG A 108 -4.76 8.41 -12.14
CA ARG A 108 -3.68 8.51 -11.12
C ARG A 108 -3.59 9.92 -10.56
N VAL A 109 -2.94 9.97 -9.39
CA VAL A 109 -2.74 11.23 -8.68
C VAL A 109 -1.25 11.37 -8.40
N PHE A 110 -0.74 12.54 -8.81
CA PHE A 110 0.67 12.86 -8.62
C PHE A 110 0.85 14.14 -7.78
N ILE A 111 1.77 14.08 -6.87
CA ILE A 111 2.22 15.29 -6.11
C ILE A 111 3.46 15.83 -6.92
N ILE A 112 3.30 17.06 -7.39
CA ILE A 112 4.36 17.65 -8.22
C ILE A 112 5.26 18.66 -7.59
N GLY A 113 5.10 18.97 -6.31
CA GLY A 113 6.00 19.90 -5.61
C GLY A 113 5.16 20.99 -4.89
N GLY A 114 5.84 21.90 -4.22
CA GLY A 114 7.28 21.99 -4.04
C GLY A 114 7.79 21.37 -2.78
N ALA A 115 8.95 21.89 -2.32
CA ALA A 115 9.66 21.36 -1.17
C ALA A 115 8.83 21.11 0.07
N GLU A 116 8.06 22.12 0.44
CA GLU A 116 7.23 21.97 1.66
C GLU A 116 6.23 20.89 1.51
N ILE A 117 5.54 20.85 0.39
CA ILE A 117 4.57 19.79 0.06
C ILE A 117 5.22 18.43 0.11
N TYR A 118 6.37 18.34 -0.60
CA TYR A 118 7.09 17.06 -0.59
C TYR A 118 7.47 16.55 0.80
N ASN A 119 8.11 17.37 1.58
CA ASN A 119 8.66 17.03 2.90
C ASN A 119 7.56 16.67 3.95
N GLU A 120 6.40 17.19 3.70
CA GLU A 120 5.24 16.93 4.60
C GLU A 120 4.50 15.69 4.14
N LEU A 121 4.17 15.59 2.86
CA LEU A 121 3.38 14.53 2.29
C LEU A 121 4.05 13.20 2.12
N ILE A 122 5.38 13.17 2.24
CA ILE A 122 6.13 11.90 2.17
C ILE A 122 5.70 11.00 3.36
N ASN A 123 5.29 11.65 4.46
CA ASN A 123 4.87 10.87 5.63
C ASN A 123 3.39 10.54 5.61
N ASN A 124 2.67 10.79 4.58
CA ASN A 124 1.24 10.48 4.44
C ASN A 124 1.13 9.10 3.82
N SER A 125 0.45 8.15 4.50
CA SER A 125 0.34 6.79 3.99
C SER A 125 -0.40 6.63 2.69
N LEU A 126 -1.06 7.67 2.17
CA LEU A 126 -1.67 7.64 0.85
C LEU A 126 -0.51 7.54 -0.22
N VAL A 127 0.61 8.09 0.14
CA VAL A 127 1.77 8.08 -0.84
C VAL A 127 2.35 6.67 -0.87
N SER A 128 2.22 6.00 -2.03
CA SER A 128 2.63 4.66 -2.25
C SER A 128 3.85 4.53 -3.23
N HIS A 129 4.12 5.54 -4.03
CA HIS A 129 5.20 5.40 -5.03
C HIS A 129 5.97 6.71 -5.14
N LEU A 130 7.29 6.57 -5.35
CA LEU A 130 8.13 7.73 -5.55
C LEU A 130 8.77 7.56 -6.96
N LEU A 131 8.54 8.58 -7.75
CA LEU A 131 9.22 8.58 -9.11
C LEU A 131 10.25 9.70 -8.98
N ILE A 132 11.49 9.31 -8.82
CA ILE A 132 12.59 10.16 -8.58
C ILE A 132 13.59 10.14 -9.78
N THR A 133 13.72 11.33 -10.30
CA THR A 133 14.80 11.42 -11.40
C THR A 133 16.07 11.70 -10.62
N GLU A 134 17.02 10.76 -10.70
CA GLU A 134 18.29 10.94 -9.94
C GLU A 134 19.30 11.58 -10.90
N ILE A 135 19.69 12.79 -10.55
CA ILE A 135 20.59 13.60 -11.34
C ILE A 135 21.99 13.55 -10.74
N GLU A 136 22.96 13.43 -11.64
CA GLU A 136 24.39 13.41 -11.15
C GLU A 136 25.15 14.47 -11.94
N HIS A 137 26.14 15.02 -11.28
CA HIS A 137 27.01 16.11 -11.86
C HIS A 137 28.42 15.85 -11.31
N PRO A 138 29.44 16.22 -12.06
CA PRO A 138 30.82 16.00 -11.62
C PRO A 138 31.20 16.82 -10.39
N SER A 139 30.60 17.96 -10.24
CA SER A 139 30.90 18.92 -9.11
C SER A 139 29.61 19.48 -8.55
N PRO A 140 28.87 18.63 -7.84
CA PRO A 140 27.55 18.99 -7.30
C PRO A 140 27.56 20.20 -6.43
N GLU A 141 28.68 20.41 -5.75
CA GLU A 141 28.89 21.52 -4.81
C GLU A 141 28.94 22.87 -5.49
N SER A 142 29.13 22.87 -6.80
CA SER A 142 29.22 24.12 -7.57
C SER A 142 27.84 24.62 -7.93
N ILE A 143 26.86 23.75 -7.76
CA ILE A 143 25.46 24.11 -8.08
C ILE A 143 24.83 24.67 -6.78
N GLU A 144 24.39 25.90 -6.90
CA GLU A 144 23.77 26.59 -5.76
C GLU A 144 22.35 26.07 -5.55
N MET A 145 22.15 25.64 -4.32
CA MET A 145 20.81 25.04 -3.97
C MET A 145 20.51 25.45 -2.51
N ASP A 146 19.24 25.71 -2.26
CA ASP A 146 18.82 26.12 -0.92
C ASP A 146 17.69 25.24 -0.38
N THR A 147 17.21 24.36 -1.20
CA THR A 147 16.01 23.50 -0.96
C THR A 147 16.32 22.05 -1.21
N PHE A 148 16.00 21.16 -0.28
CA PHE A 148 16.33 19.78 -0.29
C PHE A 148 15.20 18.85 0.18
N LEU A 149 15.28 17.64 -0.36
CA LEU A 149 14.34 16.60 0.03
C LEU A 149 14.82 16.07 1.38
N LYS A 150 13.85 15.79 2.21
CA LYS A 150 14.14 15.12 3.51
C LYS A 150 13.19 13.94 3.56
N PHE A 151 13.58 12.93 2.78
CA PHE A 151 12.85 11.70 2.64
C PHE A 151 13.57 10.56 3.37
N PRO A 152 12.78 9.82 4.12
CA PRO A 152 13.31 8.68 4.91
C PRO A 152 13.46 7.48 3.99
N LEU A 153 14.49 7.53 3.13
CA LEU A 153 14.65 6.46 2.12
C LEU A 153 14.94 5.09 2.67
N GLU A 154 15.34 5.04 3.93
CA GLU A 154 15.59 3.71 4.57
C GLU A 154 14.37 2.90 4.68
N SER A 155 13.18 3.50 4.58
CA SER A 155 11.88 2.86 4.61
C SER A 155 11.31 2.53 3.23
N TRP A 156 12.09 2.85 2.19
CA TRP A 156 11.61 2.62 0.81
C TRP A 156 12.58 1.71 0.05
N THR A 157 12.05 1.10 -0.98
CA THR A 157 12.92 0.17 -1.79
C THR A 157 12.93 0.68 -3.25
N LYS A 158 14.16 0.80 -3.77
CA LYS A 158 14.25 1.22 -5.21
C LYS A 158 13.96 -0.03 -6.05
N GLN A 159 12.99 0.04 -6.94
CA GLN A 159 12.61 -1.11 -7.77
C GLN A 159 13.55 -1.20 -9.03
N PRO A 160 13.54 -2.38 -9.62
CA PRO A 160 14.33 -2.54 -10.90
C PRO A 160 13.62 -1.75 -12.00
N LYS A 161 14.37 -1.43 -13.05
CA LYS A 161 13.80 -0.67 -14.19
C LYS A 161 12.59 -1.34 -14.79
N SER A 162 12.46 -2.67 -14.74
CA SER A 162 11.32 -3.37 -15.25
C SER A 162 9.98 -2.88 -14.61
N GLU A 163 10.07 -2.64 -13.32
CA GLU A 163 8.87 -2.17 -12.55
C GLU A 163 8.55 -0.76 -12.93
N LEU A 164 9.54 0.10 -13.14
CA LEU A 164 9.29 1.45 -13.60
C LEU A 164 8.62 1.42 -14.97
N GLN A 165 9.17 0.54 -15.85
CA GLN A 165 8.63 0.46 -17.22
C GLN A 165 7.18 0.11 -17.19
N LYS A 166 6.83 -0.82 -16.32
CA LYS A 166 5.46 -1.30 -16.19
C LYS A 166 4.58 -0.10 -15.66
N PHE A 167 5.18 0.68 -14.80
CA PHE A 167 4.45 1.86 -14.22
C PHE A 167 4.07 2.85 -15.29
N VAL A 168 5.05 3.28 -16.08
CA VAL A 168 4.92 4.27 -17.13
C VAL A 168 4.27 3.82 -18.41
N GLY A 169 4.09 2.53 -18.64
CA GLY A 169 3.43 2.00 -19.85
C GLY A 169 4.31 2.17 -21.09
N ASP A 170 3.83 2.88 -22.06
CA ASP A 170 4.41 3.21 -23.34
C ASP A 170 5.63 4.14 -23.38
N THR A 171 5.81 4.98 -22.41
CA THR A 171 6.90 5.95 -22.34
C THR A 171 8.27 5.27 -22.49
N VAL A 172 9.04 5.89 -23.37
CA VAL A 172 10.43 5.48 -23.67
C VAL A 172 11.27 6.00 -22.51
N LEU A 173 12.01 5.08 -21.93
CA LEU A 173 12.91 5.35 -20.83
C LEU A 173 14.38 5.11 -21.26
N GLU A 174 15.00 6.22 -21.62
CA GLU A 174 16.46 6.08 -22.01
C GLU A 174 17.28 6.07 -20.73
N ASP A 175 18.47 5.49 -20.77
CA ASP A 175 19.35 5.38 -19.61
C ASP A 175 20.48 6.40 -19.69
N ASP A 176 21.04 6.82 -18.56
CA ASP A 176 22.14 7.75 -18.49
C ASP A 176 22.01 8.91 -19.46
N ILE A 177 20.89 9.62 -19.36
CA ILE A 177 20.61 10.76 -20.26
C ILE A 177 21.60 11.87 -19.88
N LYS A 178 22.25 12.43 -20.90
CA LYS A 178 23.22 13.53 -20.61
C LYS A 178 22.73 14.80 -21.24
N GLU A 179 22.82 15.87 -20.48
CA GLU A 179 22.42 17.21 -20.92
C GLU A 179 23.41 18.16 -20.25
N GLY A 180 24.37 18.60 -21.08
CA GLY A 180 25.43 19.48 -20.50
C GLY A 180 26.25 18.58 -19.56
N ASP A 181 26.46 19.06 -18.33
CA ASP A 181 27.25 18.29 -17.37
C ASP A 181 26.42 17.32 -16.53
N PHE A 182 25.11 17.38 -16.65
CA PHE A 182 24.23 16.47 -15.87
C PHE A 182 23.98 15.15 -16.59
N THR A 183 23.94 14.09 -15.78
CA THR A 183 23.60 12.73 -16.20
C THR A 183 22.41 12.31 -15.24
N TYR A 184 21.43 11.76 -15.85
CA TYR A 184 20.24 11.34 -15.05
C TYR A 184 19.62 10.08 -15.52
N ASN A 185 18.87 9.49 -14.53
CA ASN A 185 18.15 8.27 -14.68
C ASN A 185 16.77 8.40 -13.92
N TYR A 186 15.85 7.72 -14.49
CA TYR A 186 14.48 7.67 -13.87
C TYR A 186 14.48 6.49 -12.93
N THR A 187 13.73 6.66 -11.77
CA THR A 187 13.67 5.55 -10.83
C THR A 187 12.23 5.48 -10.21
N LEU A 188 11.97 4.29 -9.70
CA LEU A 188 10.67 4.06 -9.02
C LEU A 188 11.02 3.48 -7.63
N TRP A 189 10.30 3.93 -6.60
CA TRP A 189 10.54 3.39 -5.25
C TRP A 189 9.14 3.07 -4.63
N THR A 190 9.12 2.02 -3.86
CA THR A 190 7.86 1.64 -3.14
C THR A 190 8.20 1.41 -1.67
N ARG A 191 7.14 1.45 -0.82
CA ARG A 191 7.46 1.29 0.64
C ARG A 191 7.82 -0.15 0.98
N LYS A 192 8.71 -0.31 1.94
CA LYS A 192 9.06 -1.65 2.45
C LYS A 192 7.96 -2.18 3.37
N MET B 1 5.38 8.19 11.70
CA MET B 1 4.14 7.90 10.90
C MET B 1 3.38 6.83 11.70
N LEU B 2 2.07 7.03 11.83
CA LEU B 2 1.28 5.99 12.57
C LEU B 2 1.08 4.83 11.56
N LYS B 3 1.15 3.66 12.14
CA LYS B 3 0.97 2.44 11.27
C LYS B 3 0.01 1.51 12.02
N PRO B 4 -0.75 0.74 11.24
CA PRO B 4 -1.68 -0.26 11.83
C PRO B 4 -0.86 -1.46 12.35
N ASN B 5 -1.58 -2.21 13.17
CA ASN B 5 -1.00 -3.45 13.82
C ASN B 5 -1.59 -4.62 13.05
N VAL B 6 -0.75 -5.29 12.27
CA VAL B 6 -1.22 -6.30 11.30
C VAL B 6 -0.57 -7.68 11.53
N ALA B 7 -1.43 -8.67 11.38
CA ALA B 7 -0.98 -10.07 11.54
C ALA B 7 -1.67 -10.90 10.46
N ILE B 8 -0.96 -11.93 10.01
CA ILE B 8 -1.55 -12.93 9.11
C ILE B 8 -2.03 -14.09 10.01
N ILE B 9 -3.20 -14.60 9.70
CA ILE B 9 -3.70 -15.79 10.46
C ILE B 9 -4.04 -16.82 9.38
N VAL B 10 -3.55 -18.04 9.61
CA VAL B 10 -3.79 -19.13 8.61
C VAL B 10 -3.68 -20.49 9.31
N ALA B 11 -4.29 -21.49 8.69
CA ALA B 11 -4.19 -22.90 9.20
C ALA B 11 -3.57 -23.69 7.97
N ALA B 12 -2.55 -24.43 8.29
CA ALA B 12 -1.78 -25.15 7.18
C ALA B 12 -1.39 -26.52 7.65
N LEU B 13 -1.36 -27.43 6.67
CA LEU B 13 -0.96 -28.82 6.88
C LEU B 13 0.54 -28.96 6.61
N LYS B 14 1.20 -29.47 7.61
CA LYS B 14 2.63 -29.78 7.54
C LYS B 14 2.79 -31.13 6.83
N PRO B 15 3.95 -31.29 6.18
CA PRO B 15 5.04 -30.36 6.10
C PRO B 15 5.02 -29.35 4.96
N ALA B 16 4.20 -29.53 3.96
CA ALA B 16 4.14 -28.71 2.76
C ALA B 16 3.46 -27.36 2.93
N LEU B 17 2.73 -27.18 4.01
CA LEU B 17 2.01 -25.91 4.24
C LEU B 17 0.90 -25.68 3.24
N GLY B 18 0.14 -26.75 3.03
CA GLY B 18 -1.04 -26.71 2.14
C GLY B 18 -2.19 -26.02 2.89
N ILE B 19 -2.91 -25.16 2.18
CA ILE B 19 -4.01 -24.42 2.75
C ILE B 19 -5.34 -24.53 2.07
N GLY B 20 -5.43 -25.16 0.89
CA GLY B 20 -6.74 -25.18 0.22
C GLY B 20 -6.77 -26.17 -0.93
N TYR B 21 -8.01 -26.38 -1.36
CA TYR B 21 -8.29 -27.29 -2.46
C TYR B 21 -9.60 -26.90 -3.11
N LYS B 22 -9.46 -26.57 -4.39
CA LYS B 22 -10.61 -26.18 -5.22
C LYS B 22 -11.47 -25.13 -4.60
N GLY B 23 -10.82 -24.12 -4.04
CA GLY B 23 -11.47 -22.98 -3.43
C GLY B 23 -12.01 -23.14 -2.04
N LYS B 24 -11.72 -24.27 -1.43
CA LYS B 24 -12.24 -24.53 -0.04
C LYS B 24 -11.07 -25.06 0.77
N MET B 25 -11.33 -25.22 2.06
CA MET B 25 -10.30 -25.78 2.98
C MET B 25 -10.44 -27.30 2.97
N PRO B 26 -9.32 -27.99 2.99
CA PRO B 26 -9.27 -29.43 2.95
C PRO B 26 -9.67 -30.14 4.21
N TRP B 27 -10.15 -29.43 5.21
CA TRP B 27 -10.54 -30.01 6.51
C TRP B 27 -11.68 -29.22 7.15
N ARG B 28 -12.31 -29.89 8.12
CA ARG B 28 -13.40 -29.18 8.88
C ARG B 28 -13.04 -29.43 10.37
N LEU B 29 -12.39 -28.45 10.92
CA LEU B 29 -11.89 -28.53 12.30
C LEU B 29 -12.70 -27.56 13.14
N ARG B 30 -13.54 -28.15 13.98
CA ARG B 30 -14.48 -27.38 14.79
C ARG B 30 -13.83 -26.44 15.80
N LYS B 31 -12.88 -26.94 16.52
CA LYS B 31 -12.16 -26.12 17.52
C LYS B 31 -11.33 -25.04 16.81
N GLU B 32 -10.73 -25.36 15.70
CA GLU B 32 -9.91 -24.38 14.93
C GLU B 32 -10.76 -23.24 14.42
N ILE B 33 -11.95 -23.47 13.89
CA ILE B 33 -12.88 -22.40 13.46
C ILE B 33 -13.26 -21.49 14.61
N ARG B 34 -13.47 -22.07 15.80
CA ARG B 34 -13.79 -21.30 16.99
C ARG B 34 -12.63 -20.41 17.40
N TYR B 35 -11.40 -20.92 17.39
CA TYR B 35 -10.20 -20.15 17.72
C TYR B 35 -10.13 -18.97 16.74
N PHE B 36 -10.31 -19.29 15.46
CA PHE B 36 -10.27 -18.21 14.44
C PHE B 36 -11.27 -17.09 14.80
N LYS B 37 -12.50 -17.49 15.06
CA LYS B 37 -13.54 -16.45 15.40
C LYS B 37 -13.11 -15.67 16.64
N ASP B 38 -12.72 -16.35 17.71
CA ASP B 38 -12.29 -15.72 18.97
C ASP B 38 -11.14 -14.76 18.84
N VAL B 39 -10.04 -15.22 18.18
CA VAL B 39 -8.86 -14.36 18.06
C VAL B 39 -9.13 -13.17 17.15
N THR B 40 -9.87 -13.37 16.07
CA THR B 40 -10.07 -12.17 15.14
C THR B 40 -11.09 -11.19 15.71
N THR B 41 -11.92 -11.67 16.64
CA THR B 41 -12.99 -10.81 17.19
C THR B 41 -12.56 -10.07 18.42
N ARG B 42 -11.83 -10.72 19.28
CA ARG B 42 -11.40 -10.15 20.59
C ARG B 42 -10.63 -8.86 20.48
N THR B 43 -11.05 -7.93 21.38
CA THR B 43 -10.42 -6.62 21.53
C THR B 43 -10.08 -6.39 23.01
N THR B 44 -9.28 -5.41 23.26
CA THR B 44 -8.83 -5.15 24.66
C THR B 44 -9.86 -4.33 25.43
N LYS B 45 -10.75 -3.70 24.75
CA LYS B 45 -11.81 -2.86 25.35
C LYS B 45 -13.12 -3.02 24.63
N PRO B 46 -14.22 -2.81 25.40
CA PRO B 46 -15.57 -2.90 24.85
C PRO B 46 -15.72 -1.79 23.79
N ASN B 47 -16.67 -1.93 22.96
CA ASN B 47 -17.07 -0.98 21.94
C ASN B 47 -15.91 -0.60 20.97
N THR B 48 -15.14 -1.64 20.70
CA THR B 48 -14.03 -1.51 19.70
C THR B 48 -14.08 -2.77 18.82
N ARG B 49 -13.34 -2.74 17.69
CA ARG B 49 -13.44 -4.01 16.85
C ARG B 49 -12.12 -4.09 15.99
N ASN B 50 -12.00 -5.25 15.37
CA ASN B 50 -10.78 -5.44 14.50
C ASN B 50 -11.29 -5.43 13.05
N ALA B 51 -10.33 -5.48 12.09
CA ALA B 51 -10.69 -5.59 10.67
C ALA B 51 -10.11 -6.97 10.19
N VAL B 52 -10.79 -7.53 9.23
CA VAL B 52 -10.29 -8.77 8.54
C VAL B 52 -10.17 -8.33 7.07
N ILE B 53 -9.03 -8.61 6.46
CA ILE B 53 -8.83 -8.28 5.01
C ILE B 53 -8.71 -9.65 4.28
N MET B 54 -9.43 -9.75 3.17
CA MET B 54 -9.44 -11.04 2.41
C MET B 54 -9.51 -10.74 0.91
N GLY B 55 -9.12 -11.76 0.09
CA GLY B 55 -9.25 -11.62 -1.34
C GLY B 55 -10.73 -12.00 -1.67
N ARG B 56 -11.07 -11.61 -2.88
CA ARG B 56 -12.42 -11.86 -3.43
C ARG B 56 -12.83 -13.31 -3.39
N LYS B 57 -11.89 -14.19 -3.72
CA LYS B 57 -12.20 -15.62 -3.75
C LYS B 57 -12.57 -16.18 -2.39
N THR B 58 -11.84 -15.75 -1.37
CA THR B 58 -12.14 -16.21 0.02
C THR B 58 -13.55 -15.62 0.39
N TRP B 59 -13.79 -14.39 0.07
CA TRP B 59 -15.14 -13.77 0.41
C TRP B 59 -16.25 -14.62 -0.19
N GLU B 60 -16.04 -14.93 -1.48
CA GLU B 60 -17.07 -15.69 -2.23
C GLU B 60 -17.25 -17.08 -1.73
N SER B 61 -16.30 -17.59 -1.00
CA SER B 61 -16.36 -18.95 -0.45
C SER B 61 -17.25 -19.01 0.77
N ILE B 62 -17.58 -17.85 1.33
CA ILE B 62 -18.45 -17.77 2.50
C ILE B 62 -19.90 -17.69 1.96
N PRO B 63 -20.73 -18.57 2.48
CA PRO B 63 -22.17 -18.58 2.10
C PRO B 63 -22.73 -17.20 2.41
N GLN B 64 -23.53 -16.66 1.51
CA GLN B 64 -24.11 -15.34 1.62
C GLN B 64 -24.84 -14.99 2.90
N LYS B 65 -25.38 -15.99 3.60
CA LYS B 65 -26.11 -15.72 4.85
C LYS B 65 -25.12 -15.55 6.02
N PHE B 66 -23.90 -15.99 5.75
CA PHE B 66 -22.83 -15.92 6.76
C PHE B 66 -21.84 -14.79 6.58
N ARG B 67 -22.13 -13.91 5.66
CA ARG B 67 -21.22 -12.73 5.47
C ARG B 67 -22.05 -11.49 5.65
N PRO B 68 -21.45 -10.42 6.11
CA PRO B 68 -20.02 -10.32 6.47
C PRO B 68 -19.74 -11.11 7.75
N LEU B 69 -18.46 -11.40 8.01
CA LEU B 69 -18.06 -12.04 9.29
C LEU B 69 -18.47 -11.06 10.41
N PRO B 70 -19.28 -11.53 11.34
CA PRO B 70 -19.83 -10.62 12.36
C PRO B 70 -18.76 -10.08 13.30
N ASP B 71 -19.04 -8.90 13.83
CA ASP B 71 -18.28 -8.21 14.86
C ASP B 71 -16.91 -7.73 14.39
N ARG B 72 -16.70 -7.77 13.06
CA ARG B 72 -15.41 -7.28 12.54
C ARG B 72 -15.67 -6.48 11.25
N LEU B 73 -14.74 -5.55 11.01
CA LEU B 73 -14.89 -4.76 9.73
C LEU B 73 -14.30 -5.74 8.62
N ASN B 74 -15.07 -5.97 7.59
CA ASN B 74 -14.62 -6.89 6.49
C ASN B 74 -14.17 -6.03 5.29
N ILE B 75 -12.93 -6.26 4.87
CA ILE B 75 -12.38 -5.52 3.67
C ILE B 75 -12.04 -6.61 2.63
N ILE B 76 -12.60 -6.41 1.45
CA ILE B 76 -12.47 -7.45 0.38
C ILE B 76 -11.71 -6.75 -0.77
N LEU B 77 -10.73 -7.48 -1.25
CA LEU B 77 -9.89 -6.96 -2.35
C LEU B 77 -10.29 -7.58 -3.71
N SER B 78 -10.36 -6.69 -4.71
CA SER B 78 -10.60 -7.18 -6.09
C SER B 78 -9.93 -6.15 -7.01
N ARG B 79 -9.25 -6.67 -8.05
CA ARG B 79 -8.66 -5.64 -8.99
C ARG B 79 -9.73 -4.96 -9.79
N SER B 80 -10.97 -5.38 -9.77
CA SER B 80 -12.09 -4.80 -10.48
C SER B 80 -12.91 -3.80 -9.64
N TYR B 81 -12.57 -3.70 -8.36
CA TYR B 81 -13.30 -2.79 -7.49
C TYR B 81 -12.81 -1.37 -7.52
N GLU B 82 -13.72 -0.52 -7.11
CA GLU B 82 -13.40 0.89 -6.81
C GLU B 82 -13.42 0.90 -5.27
N ASN B 83 -12.57 1.66 -4.67
CA ASN B 83 -12.55 1.77 -3.17
C ASN B 83 -13.97 2.31 -2.80
N GLU B 84 -14.65 1.56 -2.00
CA GLU B 84 -16.05 2.03 -1.63
C GLU B 84 -16.43 1.40 -0.30
N ILE B 85 -17.04 2.25 0.52
CA ILE B 85 -17.58 1.76 1.81
C ILE B 85 -19.06 1.41 1.50
N ILE B 86 -19.36 0.13 1.57
CA ILE B 86 -20.69 -0.38 1.29
C ILE B 86 -21.61 0.05 2.47
N ASP B 87 -21.15 -0.40 3.63
CA ASP B 87 -21.88 -0.07 4.91
C ASP B 87 -20.82 -0.07 6.02
N ASP B 88 -21.28 -0.04 7.27
CA ASP B 88 -20.35 -0.02 8.40
C ASP B 88 -19.51 -1.30 8.53
N ASN B 89 -19.91 -2.41 7.95
CA ASN B 89 -19.23 -3.67 8.07
C ASN B 89 -18.47 -4.15 6.83
N ILE B 90 -18.74 -3.50 5.69
CA ILE B 90 -18.10 -4.03 4.43
C ILE B 90 -17.46 -2.89 3.69
N ILE B 91 -16.22 -3.10 3.24
CA ILE B 91 -15.52 -2.13 2.43
C ILE B 91 -14.89 -2.95 1.23
N HIS B 92 -14.93 -2.31 0.09
CA HIS B 92 -14.27 -2.88 -1.14
C HIS B 92 -13.03 -2.06 -1.34
N ALA B 93 -11.92 -2.74 -1.64
CA ALA B 93 -10.65 -2.05 -1.87
C ALA B 93 -10.04 -2.60 -3.20
N SER B 94 -9.46 -1.65 -3.91
CA SER B 94 -8.87 -2.01 -5.23
C SER B 94 -7.39 -2.34 -5.18
N SER B 95 -6.71 -2.20 -4.06
CA SER B 95 -5.26 -2.51 -3.99
C SER B 95 -4.88 -2.83 -2.55
N ILE B 96 -3.79 -3.53 -2.36
CA ILE B 96 -3.32 -3.78 -0.97
C ILE B 96 -3.10 -2.49 -0.23
N GLU B 97 -2.46 -1.50 -0.86
CA GLU B 97 -2.11 -0.23 -0.26
C GLU B 97 -3.39 0.48 0.22
N SER B 98 -4.42 0.39 -0.59
CA SER B 98 -5.68 1.04 -0.23
C SER B 98 -6.30 0.37 1.00
N SER B 99 -6.26 -0.94 1.01
CA SER B 99 -6.88 -1.74 2.12
C SER B 99 -6.27 -1.35 3.44
N LEU B 100 -4.95 -1.07 3.44
CA LEU B 100 -4.22 -0.69 4.64
C LEU B 100 -4.47 0.76 5.04
N ASN B 101 -5.08 1.50 4.17
CA ASN B 101 -5.47 2.90 4.42
C ASN B 101 -6.95 2.97 4.86
N LEU B 102 -7.60 1.87 4.95
CA LEU B 102 -9.06 1.88 5.31
C LEU B 102 -9.31 1.19 6.64
N VAL B 103 -8.30 1.23 7.53
CA VAL B 103 -8.43 0.55 8.83
C VAL B 103 -8.21 1.52 10.03
N SER B 104 -8.57 2.79 9.79
CA SER B 104 -8.26 3.82 10.83
C SER B 104 -9.13 3.66 12.10
N ASP B 105 -10.22 2.97 12.03
CA ASP B 105 -11.14 2.89 13.20
C ASP B 105 -11.03 1.57 13.93
N VAL B 106 -10.04 0.72 13.66
CA VAL B 106 -9.99 -0.59 14.37
C VAL B 106 -8.76 -0.69 15.25
N GLU B 107 -8.73 -1.76 16.05
CA GLU B 107 -7.67 -2.08 16.97
C GLU B 107 -6.59 -2.93 16.22
N ARG B 108 -6.92 -4.10 15.82
CA ARG B 108 -5.87 -4.91 15.09
C ARG B 108 -6.48 -5.19 13.69
N VAL B 109 -5.56 -5.56 12.81
CA VAL B 109 -5.90 -5.91 11.42
C VAL B 109 -5.44 -7.35 11.21
N PHE B 110 -6.30 -8.19 10.74
CA PHE B 110 -5.94 -9.62 10.44
C PHE B 110 -6.09 -9.88 8.92
N ILE B 111 -4.98 -10.47 8.34
CA ILE B 111 -5.11 -10.83 6.89
C ILE B 111 -5.57 -12.28 6.97
N ILE B 112 -6.73 -12.62 6.42
CA ILE B 112 -7.33 -13.92 6.59
C ILE B 112 -7.35 -14.80 5.37
N GLY B 113 -6.60 -14.35 4.32
CA GLY B 113 -6.54 -15.30 3.13
C GLY B 113 -7.04 -14.62 1.88
N GLY B 114 -6.96 -15.28 0.72
CA GLY B 114 -6.42 -16.65 0.55
C GLY B 114 -4.94 -16.58 0.14
N ALA B 115 -4.52 -17.64 -0.62
CA ALA B 115 -3.15 -17.78 -0.98
C ALA B 115 -2.50 -16.56 -1.60
N GLU B 116 -3.18 -16.04 -2.60
CA GLU B 116 -2.64 -14.87 -3.33
C GLU B 116 -2.36 -13.72 -2.42
N ILE B 117 -3.38 -13.41 -1.54
CA ILE B 117 -3.17 -12.31 -0.56
C ILE B 117 -2.05 -12.58 0.37
N TYR B 118 -2.00 -13.77 0.97
CA TYR B 118 -0.92 -14.16 1.86
C TYR B 118 0.46 -13.92 1.22
N ASN B 119 0.60 -14.41 0.03
CA ASN B 119 1.90 -14.32 -0.72
C ASN B 119 2.25 -12.92 -1.04
N GLU B 120 1.27 -12.02 -1.15
CA GLU B 120 1.49 -10.63 -1.41
C GLU B 120 1.84 -9.84 -0.12
N LEU B 121 1.30 -10.30 1.00
CA LEU B 121 1.51 -9.58 2.26
C LEU B 121 2.65 -9.98 3.11
N ILE B 122 3.15 -11.21 2.92
CA ILE B 122 4.23 -11.76 3.76
C ILE B 122 5.45 -10.92 3.87
N ASN B 123 5.80 -10.20 2.80
CA ASN B 123 7.03 -9.35 2.86
C ASN B 123 6.80 -7.91 3.18
N ASN B 124 5.57 -7.54 3.50
CA ASN B 124 5.21 -6.15 3.84
C ASN B 124 5.65 -5.93 5.30
N SER B 125 6.41 -4.90 5.50
CA SER B 125 6.97 -4.54 6.82
C SER B 125 5.84 -4.25 7.83
N LEU B 126 4.65 -3.97 7.37
CA LEU B 126 3.53 -3.73 8.32
C LEU B 126 3.14 -5.04 9.01
N VAL B 127 3.34 -6.18 8.35
CA VAL B 127 2.96 -7.49 8.96
C VAL B 127 4.01 -7.86 9.99
N SER B 128 3.61 -7.90 11.28
CA SER B 128 4.59 -8.16 12.35
C SER B 128 4.39 -9.48 13.08
N HIS B 129 3.33 -10.19 12.83
CA HIS B 129 3.00 -11.47 13.42
C HIS B 129 2.39 -12.45 12.42
N LEU B 130 2.72 -13.74 12.52
CA LEU B 130 2.07 -14.79 11.77
C LEU B 130 1.45 -15.71 12.85
N LEU B 131 0.16 -15.92 12.75
CA LEU B 131 -0.49 -16.88 13.71
C LEU B 131 -0.78 -18.09 12.81
N ILE B 132 0.01 -19.12 12.99
CA ILE B 132 -0.15 -20.32 12.15
C ILE B 132 -0.64 -21.49 13.00
N THR B 133 -1.74 -22.07 12.54
CA THR B 133 -2.21 -23.33 13.16
C THR B 133 -1.43 -24.44 12.33
N GLU B 134 -0.56 -25.08 13.01
CA GLU B 134 0.24 -26.20 12.30
C GLU B 134 -0.54 -27.48 12.52
N ILE B 135 -1.02 -28.00 11.40
CA ILE B 135 -1.83 -29.21 11.40
C ILE B 135 -0.95 -30.39 10.97
N GLU B 136 -1.17 -31.52 11.63
CA GLU B 136 -0.39 -32.76 11.26
C GLU B 136 -1.42 -33.87 11.12
N HIS B 137 -0.98 -34.82 10.24
CA HIS B 137 -1.89 -35.96 9.91
C HIS B 137 -0.94 -37.13 9.61
N PRO B 138 -1.40 -38.33 9.94
CA PRO B 138 -0.53 -39.51 9.69
C PRO B 138 -0.11 -39.69 8.26
N SER B 139 -0.81 -39.29 7.24
CA SER B 139 -0.49 -39.43 5.82
C SER B 139 -0.98 -38.23 5.02
N PRO B 140 -0.23 -37.14 5.15
CA PRO B 140 -0.55 -35.87 4.50
C PRO B 140 -0.77 -35.92 3.02
N GLU B 141 -0.06 -36.81 2.35
CA GLU B 141 -0.14 -37.02 0.89
C GLU B 141 -1.54 -37.45 0.48
N SER B 142 -2.29 -38.02 1.42
CA SER B 142 -3.65 -38.49 1.22
C SER B 142 -4.64 -37.33 1.11
N ILE B 143 -4.22 -36.16 1.58
CA ILE B 143 -5.08 -34.97 1.57
C ILE B 143 -4.73 -34.16 0.32
N GLU B 144 -5.71 -34.07 -0.52
CA GLU B 144 -5.59 -33.38 -1.81
C GLU B 144 -5.55 -31.87 -1.64
N MET B 145 -4.57 -31.25 -2.30
CA MET B 145 -4.50 -29.76 -2.26
C MET B 145 -3.76 -29.11 -3.42
N ASP B 146 -4.14 -27.87 -3.68
CA ASP B 146 -3.64 -27.06 -4.78
C ASP B 146 -3.13 -25.65 -4.47
N THR B 147 -3.22 -25.28 -3.23
CA THR B 147 -2.90 -23.94 -2.70
C THR B 147 -1.97 -24.11 -1.51
N PHE B 148 -0.87 -23.39 -1.53
CA PHE B 148 0.16 -23.51 -0.48
C PHE B 148 0.70 -22.11 -0.08
N LEU B 149 1.27 -22.08 1.11
CA LEU B 149 1.91 -20.84 1.59
C LEU B 149 3.36 -20.90 1.03
N LYS B 150 3.84 -19.74 0.71
CA LYS B 150 5.23 -19.57 0.20
C LYS B 150 5.86 -18.47 1.08
N PHE B 151 6.10 -18.91 2.32
CA PHE B 151 6.69 -18.03 3.34
C PHE B 151 8.15 -18.43 3.62
N PRO B 152 8.96 -17.40 3.78
CA PRO B 152 10.40 -17.60 4.11
C PRO B 152 10.52 -17.72 5.63
N LEU B 153 10.03 -18.86 6.12
CA LEU B 153 9.99 -19.19 7.54
C LEU B 153 11.32 -19.05 8.22
N GLU B 154 12.42 -19.19 7.47
CA GLU B 154 13.76 -18.97 7.97
C GLU B 154 13.96 -17.54 8.43
N SER B 155 13.19 -16.61 7.94
CA SER B 155 13.22 -15.17 8.28
C SER B 155 12.21 -14.83 9.41
N TRP B 156 11.68 -15.85 10.01
CA TRP B 156 10.68 -15.68 11.12
C TRP B 156 11.11 -16.58 12.27
N THR B 157 10.69 -16.28 13.47
CA THR B 157 11.02 -17.02 14.67
C THR B 157 9.72 -17.49 15.36
N LYS B 158 9.66 -18.77 15.61
CA LYS B 158 8.43 -19.25 16.35
C LYS B 158 8.59 -18.92 17.82
N GLN B 159 7.65 -18.19 18.42
CA GLN B 159 7.68 -17.79 19.81
C GLN B 159 7.16 -18.89 20.75
N PRO B 160 7.59 -18.76 22.01
CA PRO B 160 7.11 -19.71 23.04
C PRO B 160 5.59 -19.45 23.20
N LYS B 161 4.95 -20.48 23.69
CA LYS B 161 3.51 -20.44 23.94
C LYS B 161 3.08 -19.24 24.77
N SER B 162 3.89 -18.86 25.74
CA SER B 162 3.64 -17.74 26.62
C SER B 162 3.37 -16.45 25.83
N GLU B 163 4.08 -16.27 24.75
CA GLU B 163 3.92 -15.08 23.89
C GLU B 163 2.64 -15.12 23.13
N LEU B 164 2.25 -16.33 22.73
CA LEU B 164 0.96 -16.49 22.05
C LEU B 164 -0.17 -16.22 23.06
N GLN B 165 -0.01 -16.76 24.25
CA GLN B 165 -1.05 -16.54 25.29
C GLN B 165 -1.22 -15.04 25.58
N LYS B 166 -0.15 -14.30 25.56
CA LYS B 166 -0.27 -12.82 25.76
C LYS B 166 -1.06 -12.18 24.63
N PHE B 167 -0.79 -12.64 23.41
CA PHE B 167 -1.46 -12.06 22.22
C PHE B 167 -2.96 -12.27 22.28
N VAL B 168 -3.40 -13.45 22.64
CA VAL B 168 -4.78 -13.89 22.62
C VAL B 168 -5.58 -13.61 23.86
N GLY B 169 -4.93 -13.11 24.90
CA GLY B 169 -5.63 -12.78 26.15
C GLY B 169 -6.10 -14.01 26.90
N ASP B 170 -7.40 -14.03 27.15
CA ASP B 170 -8.05 -15.09 27.92
C ASP B 170 -8.35 -16.36 27.16
N THR B 171 -8.17 -16.38 25.87
CA THR B 171 -8.43 -17.54 25.02
C THR B 171 -7.64 -18.76 25.51
N VAL B 172 -8.33 -19.87 25.64
CA VAL B 172 -7.72 -21.14 26.06
C VAL B 172 -6.99 -21.77 24.87
N LEU B 173 -5.74 -22.08 25.14
CA LEU B 173 -4.86 -22.72 24.13
C LEU B 173 -4.49 -24.12 24.59
N GLU B 174 -5.16 -25.10 23.99
CA GLU B 174 -4.87 -26.51 24.27
C GLU B 174 -3.76 -26.99 23.34
N ASP B 175 -2.95 -27.88 23.83
CA ASP B 175 -1.85 -28.42 23.01
C ASP B 175 -2.37 -29.73 22.36
N ASP B 176 -1.78 -30.00 21.21
CA ASP B 176 -1.98 -31.26 20.48
C ASP B 176 -3.42 -31.66 20.42
N ILE B 177 -4.22 -30.74 19.87
CA ILE B 177 -5.68 -30.93 19.72
C ILE B 177 -5.91 -32.00 18.65
N LYS B 178 -6.75 -32.99 19.01
CA LYS B 178 -7.14 -34.02 18.04
C LYS B 178 -8.56 -33.84 17.57
N GLU B 179 -8.76 -33.99 16.26
CA GLU B 179 -10.06 -34.00 15.63
C GLU B 179 -10.01 -35.02 14.50
N GLY B 180 -10.61 -36.17 14.73
CA GLY B 180 -10.52 -37.24 13.62
C GLY B 180 -9.03 -37.62 13.59
N ASP B 181 -8.46 -37.63 12.40
CA ASP B 181 -7.04 -37.98 12.21
C ASP B 181 -6.08 -36.82 12.28
N PHE B 182 -6.60 -35.60 12.44
CA PHE B 182 -5.74 -34.41 12.53
C PHE B 182 -5.34 -34.13 13.99
N THR B 183 -4.16 -33.61 14.13
CA THR B 183 -3.59 -33.13 15.43
C THR B 183 -3.02 -31.75 15.10
N TYR B 184 -3.38 -30.76 15.94
CA TYR B 184 -2.86 -29.41 15.61
C TYR B 184 -2.54 -28.60 16.86
N ASN B 185 -1.76 -27.56 16.62
CA ASN B 185 -1.28 -26.63 17.66
C ASN B 185 -1.32 -25.18 17.09
N TYR B 186 -1.63 -24.27 17.99
CA TYR B 186 -1.57 -22.82 17.56
C TYR B 186 -0.19 -22.30 17.82
N THR B 187 0.32 -21.43 16.93
CA THR B 187 1.68 -20.89 17.06
C THR B 187 1.73 -19.41 16.68
N LEU B 188 2.72 -18.75 17.25
CA LEU B 188 2.96 -17.33 16.97
C LEU B 188 4.44 -17.18 16.50
N TRP B 189 4.58 -16.36 15.47
CA TRP B 189 5.92 -16.10 14.88
C TRP B 189 6.10 -14.57 14.77
N THR B 190 7.34 -14.14 14.92
CA THR B 190 7.71 -12.73 14.71
C THR B 190 8.94 -12.74 13.81
N ARG B 191 9.23 -11.56 13.27
CA ARG B 191 10.37 -11.47 12.30
C ARG B 191 11.72 -11.62 12.97
N LYS B 192 12.65 -12.27 12.24
CA LYS B 192 14.02 -12.39 12.72
C LYS B 192 14.74 -11.07 12.38
PA NDP C . 5.45 24.78 -2.34
O1A NDP C . 5.05 24.68 -3.76
O2A NDP C . 5.65 23.52 -1.61
O5B NDP C . 4.26 25.69 -1.65
C5B NDP C . 4.32 25.85 -0.20
C4B NDP C . 2.87 26.31 0.17
O4B NDP C . 1.96 25.23 0.02
C3B NDP C . 2.75 26.76 1.65
O3B NDP C . 3.14 28.14 1.68
C2B NDP C . 1.18 26.56 1.82
O2B NDP C . 0.38 27.53 1.15
C1B NDP C . 0.97 25.29 1.02
N9A NDP C . 1.13 24.12 1.81
C8A NDP C . 2.32 23.57 2.18
N7A NDP C . 2.15 22.46 2.88
C5A NDP C . 0.78 22.38 2.97
C6A NDP C . -0.01 21.40 3.62
N6A NDP C . 0.59 20.40 4.26
N1A NDP C . -1.34 21.59 3.52
C2A NDP C . -1.85 22.66 2.85
N3A NDP C . -1.21 23.61 2.22
C4A NDP C . 0.14 23.38 2.35
O3 NDP C . 6.69 25.66 -2.18
PN NDP C . 8.18 25.72 -1.65
O1N NDP C . 8.74 27.07 -1.64
O2N NDP C . 8.45 24.98 -0.41
O5D NDP C . 8.96 24.90 -2.87
C5D NDP C . 9.34 25.69 -4.03
C4D NDP C . 10.67 25.12 -4.50
O4D NDP C . 10.44 23.73 -4.94
C3D NDP C . 11.37 25.82 -5.66
O3D NDP C . 12.80 25.86 -5.42
C2D NDP C . 11.03 24.88 -6.83
O2D NDP C . 12.03 25.03 -7.85
C1D NDP C . 11.08 23.53 -6.18
N1N NDP C . 10.41 22.42 -6.94
C2N NDP C . 11.32 21.47 -7.44
C3N NDP C . 10.79 20.46 -8.24
C7N NDP C . 11.82 19.36 -8.74
O7N NDP C . 11.36 18.39 -9.31
N7N NDP C . 13.13 19.55 -8.47
C4N NDP C . 9.42 20.29 -8.57
C5N NDP C . 8.61 21.36 -8.03
C6N NDP C . 9.08 22.40 -7.31
P2B NDP C . -0.12 28.84 2.10
O1X NDP C . -1.00 29.55 1.08
O2X NDP C . -0.73 28.15 3.23
O3X NDP C . 1.17 29.50 2.39
C1 CLZ D . 8.45 17.37 -11.25
N2 CLZ D . 9.05 16.18 -11.29
C3 CLZ D . 9.95 15.87 -12.32
N4 CLZ D . 10.35 16.83 -13.24
N5 CLZ D . 7.55 17.57 -10.22
N6 CLZ D . 10.59 14.71 -12.32
C7 CLZ D . 8.48 20.62 -13.37
C8 CLZ D . 8.13 19.67 -12.39
C9 CLZ D . 8.73 18.42 -12.27
C10 CLZ D . 9.73 18.06 -13.27
C11 CLZ D . 10.04 19.00 -14.28
C12 CLZ D . 9.48 20.22 -14.35
N13 CLZ D . 7.90 21.84 -13.50
CL CLZ D . 6.87 20.22 -11.32
PA NDP E . -7.79 -15.16 -2.60
O1A NDP E . -8.89 -15.46 -1.65
O2A NDP E . -6.47 -14.88 -2.16
O5B NDP E . -8.33 -14.12 -3.66
C5B NDP E . -7.50 -13.67 -4.77
C4B NDP E . -8.23 -12.52 -5.45
O4B NDP E . -8.01 -11.34 -4.66
C3B NDP E . -7.59 -12.14 -6.84
O3B NDP E . -8.12 -13.05 -7.82
C2B NDP E . -8.14 -10.66 -6.91
O2B NDP E . -9.52 -10.45 -7.18
C1B NDP E . -7.88 -10.26 -5.46
N9A NDP E . -6.58 -9.67 -5.32
C8A NDP E . -5.40 -10.32 -5.10
N7A NDP E . -4.37 -9.48 -5.10
C5A NDP E . -4.96 -8.24 -5.22
C6A NDP E . -4.36 -6.96 -5.25
N6A NDP E . -3.06 -6.75 -5.12
N1A NDP E . -5.23 -5.92 -5.45
C2A NDP E . -6.58 -6.16 -5.58
N3A NDP E . -7.18 -7.33 -5.58
C4A NDP E . -6.30 -8.34 -5.37
O3 NDP E . -7.74 -16.45 -3.60
PN NDP E . -6.78 -17.70 -3.75
O1N NDP E . -7.41 -18.55 -4.81
O2N NDP E . -5.35 -17.39 -3.90
O5D NDP E . -6.91 -18.56 -2.39
C5D NDP E . -8.14 -19.17 -2.03
C4D NDP E . -7.84 -20.49 -1.32
O4D NDP E . -7.28 -20.21 -0.01
C3D NDP E . -9.07 -21.38 -1.10
O3D NDP E . -8.78 -22.77 -1.27
C2D NDP E . -9.42 -21.03 0.36
O2D NDP E . -10.21 -22.04 0.97
C1D NDP E . -8.01 -20.97 0.94
N1N NDP E . -7.93 -20.31 2.27
C2N NDP E . -7.31 -21.06 3.26
C3N NDP E . -7.22 -20.56 4.53
C7N NDP E . -6.53 -21.40 5.64
O7N NDP E . -6.33 -20.84 6.70
N7N NDP E . -6.11 -22.66 5.33
C4N NDP E . -7.66 -19.24 4.84
C5N NDP E . -8.25 -18.58 3.76
C6N NDP E . -8.44 -19.04 2.49
P2B NDP E . -10.12 -10.30 -8.70
O1X NDP E . -11.60 -10.08 -8.47
O2X NDP E . -9.35 -9.25 -9.30
O3X NDP E . -9.81 -11.63 -9.33
C1 CLZ F . -8.00 -18.51 8.80
N2 CLZ F . -7.08 -18.81 9.72
C3 CLZ F . -7.25 -19.89 10.58
N4 CLZ F . -8.41 -20.65 10.57
N5 CLZ F . -7.70 -17.39 8.01
N6 CLZ F . -6.30 -20.20 11.47
C7 CLZ F . -11.58 -19.65 7.94
C8 CLZ F . -10.38 -18.91 7.90
C9 CLZ F . -9.29 -19.22 8.76
C10 CLZ F . -9.44 -20.30 9.67
C11 CLZ F . -10.66 -21.07 9.72
C12 CLZ F . -11.67 -20.72 8.87
N13 CLZ F . -12.65 -19.34 7.10
CL CLZ F . -10.36 -17.60 6.78
#